data_2Y2N
#
_entry.id   2Y2N
#
_cell.length_a   96.744
_cell.length_b   147.956
_cell.length_c   98.778
_cell.angle_alpha   90.00
_cell.angle_beta   90.00
_cell.angle_gamma   90.00
#
_symmetry.space_group_name_H-M   'C 2 2 21'
#
loop_
_entity.id
_entity.type
_entity.pdbx_description
1 polymer 'PENICILLIN-BINDING PROTEIN 1B'
2 non-polymer TRIHYDROXY-[(1S)-1-[[2-(PHENYLMETHYL)PHENYL]CARBONYLAMINO]ETHYL]BORON
3 non-polymer 'CHLORIDE ION'
4 non-polymer 'SODIUM ION'
5 water water
#
_entity_poly.entity_id   1
_entity_poly.type   'polypeptide(L)'
_entity_poly.pdbx_seq_one_letter_code
;DISSISEITYSDGTVIASIESDLLRQDFLPSGTVTGISRDYLYFTTLAEAQERMYDYLAQRDNVSAKELKNEATQKFYRD
LAAKEIENGGYKITTTIDQKIHSAMQSAVADYGYLLDDGTGRVEVGNVLMDNQTGAILGFVGGRNYQENQNNHAFDTKRS
PASTTKPLLAYGIAIDQGLMGSETILSNYPTNFANGNPIMYANSKGTGMMTLGEALNYSWNIPAYWTYRMLRENGVDVKG
YMEKMGYEIPEYGIESLPMGGGIEVTVAQHTNGYQTLANNGVYHQKHVISKIEAADGRVVYEYQDKPVQVYSKATATIMQ
GLLREVLSSRVTTTFKSNLTSLNPTLANADWIGKTGTTGQDENMWLMLSTPRLTLGGWIGHDDNHSLSQQAGYSNNSNYM
AHLVNAIQQASPSIWGNERFALDPSVVKSEVLKSTGQKPGKVSVEGKEVEVTGSTVTSYWANKSGAPATSYRFAIGGSDA
DYQNAWSSIVGSLP
;
_entity_poly.pdbx_strand_id   A
#
loop_
_chem_comp.id
_chem_comp.type
_chem_comp.name
_chem_comp.formula
CL non-polymer 'CHLORIDE ION' 'Cl -1'
E07 non-polymer TRIHYDROXY-[(1S)-1-[[2-(PHENYLMETHYL)PHENYL]CARBONYLAMINO]ETHYL]BORON 'C16 H19 B N O4 -1'
NA non-polymer 'SODIUM ION' 'Na 1'
#
# COMPACT_ATOMS: atom_id res chain seq x y z
N ILE A 5 -33.03 -22.08 3.50
CA ILE A 5 -31.59 -22.13 3.85
C ILE A 5 -30.76 -21.03 3.15
N SER A 6 -30.20 -20.10 3.91
CA SER A 6 -29.32 -19.08 3.33
C SER A 6 -27.95 -19.69 3.06
N GLU A 7 -27.25 -19.19 2.03
CA GLU A 7 -25.94 -19.72 1.60
C GLU A 7 -24.97 -18.59 1.22
N ILE A 8 -23.75 -18.70 1.73
CA ILE A 8 -22.62 -17.89 1.29
C ILE A 8 -21.87 -18.63 0.17
N THR A 9 -21.68 -17.96 -0.96
CA THR A 9 -21.03 -18.56 -2.12
C THR A 9 -19.76 -17.84 -2.59
N TYR A 10 -18.81 -18.64 -3.08
CA TYR A 10 -17.72 -18.17 -3.93
C TYR A 10 -18.21 -17.38 -5.16
N SER A 11 -17.32 -16.66 -5.87
CA SER A 11 -17.79 -15.83 -7.01
C SER A 11 -18.41 -16.63 -8.14
N ASP A 12 -17.96 -17.86 -8.32
CA ASP A 12 -18.68 -18.69 -9.30
C ASP A 12 -19.96 -19.32 -8.74
N GLY A 13 -20.30 -19.09 -7.48
CA GLY A 13 -21.56 -19.60 -6.98
C GLY A 13 -21.50 -20.97 -6.33
N THR A 14 -20.36 -21.64 -6.41
CA THR A 14 -20.11 -22.77 -5.51
C THR A 14 -20.40 -22.35 -4.08
N VAL A 15 -21.10 -23.20 -3.33
CA VAL A 15 -21.46 -22.88 -1.95
C VAL A 15 -20.29 -22.95 -0.96
N ILE A 16 -20.03 -21.88 -0.24
CA ILE A 16 -19.04 -21.95 0.85
C ILE A 16 -19.71 -22.68 1.99
N ALA A 17 -20.89 -22.24 2.37
CA ALA A 17 -21.55 -22.82 3.53
C ALA A 17 -22.98 -22.33 3.64
N SER A 18 -23.83 -23.20 4.17
CA SER A 18 -25.18 -22.84 4.62
C SER A 18 -25.18 -22.14 5.99
N ILE A 19 -26.16 -21.29 6.28
CA ILE A 19 -26.09 -20.46 7.47
C ILE A 19 -26.98 -20.92 8.62
N ASP A 40 -12.84 -20.96 7.85
CA ASP A 40 -13.46 -20.41 9.05
C ASP A 40 -13.40 -18.89 9.00
N TYR A 41 -12.19 -18.33 8.86
CA TYR A 41 -12.03 -16.90 8.61
C TYR A 41 -12.94 -16.44 7.47
N LEU A 42 -13.04 -17.29 6.44
CA LEU A 42 -13.80 -16.96 5.26
C LEU A 42 -15.27 -16.89 5.64
N TYR A 43 -15.72 -17.90 6.38
CA TYR A 43 -17.12 -17.94 6.79
C TYR A 43 -17.49 -16.70 7.59
N PHE A 44 -16.73 -16.44 8.66
CA PHE A 44 -17.10 -15.43 9.61
C PHE A 44 -16.88 -14.05 9.04
N THR A 45 -15.81 -13.87 8.24
CA THR A 45 -15.62 -12.55 7.58
C THR A 45 -16.77 -12.20 6.63
N THR A 46 -17.16 -13.14 5.78
CA THR A 46 -18.18 -12.81 4.76
C THR A 46 -19.57 -12.71 5.39
N LEU A 47 -19.81 -13.54 6.40
CA LEU A 47 -21.06 -13.49 7.11
C LEU A 47 -21.17 -12.18 7.88
N ALA A 48 -20.08 -11.71 8.49
CA ALA A 48 -20.17 -10.44 9.25
C ALA A 48 -20.44 -9.26 8.31
N GLU A 49 -19.81 -9.31 7.14
CA GLU A 49 -20.01 -8.24 6.18
C GLU A 49 -21.44 -8.27 5.61
N ALA A 50 -21.92 -9.47 5.31
CA ALA A 50 -23.33 -9.71 4.89
C ALA A 50 -24.35 -9.21 5.94
N GLN A 51 -24.04 -9.43 7.21
CA GLN A 51 -24.88 -8.88 8.27
C GLN A 51 -24.98 -7.38 8.26
N GLU A 52 -23.87 -6.74 7.90
CA GLU A 52 -23.89 -5.28 7.84
C GLU A 52 -24.71 -4.79 6.66
N ARG A 53 -24.62 -5.48 5.52
CA ARG A 53 -25.44 -5.10 4.35
C ARG A 53 -26.94 -5.28 4.62
N MET A 54 -27.26 -6.41 5.25
CA MET A 54 -28.60 -6.74 5.70
C MET A 54 -29.12 -5.70 6.70
N TYR A 55 -28.26 -5.27 7.62
CA TYR A 55 -28.61 -4.18 8.51
C TYR A 55 -29.06 -2.92 7.76
N ASP A 56 -28.23 -2.37 6.88
CA ASP A 56 -28.60 -1.20 6.07
C ASP A 56 -29.91 -1.44 5.31
N TYR A 57 -30.03 -2.61 4.69
CA TYR A 57 -31.18 -2.93 3.87
C TYR A 57 -32.47 -2.94 4.70
N LEU A 58 -32.43 -3.54 5.89
CA LEU A 58 -33.65 -3.66 6.69
C LEU A 58 -34.10 -2.33 7.27
N ALA A 59 -33.11 -1.54 7.67
CA ALA A 59 -33.32 -0.20 8.22
C ALA A 59 -34.02 0.70 7.22
N GLN A 60 -33.55 0.70 5.97
CA GLN A 60 -34.18 1.46 4.89
CA GLN A 60 -34.22 1.49 4.93
C GLN A 60 -35.53 0.84 4.55
N ARG A 61 -35.56 -0.47 4.42
CA ARG A 61 -36.85 -1.15 4.21
C ARG A 61 -37.93 -0.74 5.21
N ASP A 62 -37.58 -0.63 6.50
CA ASP A 62 -38.57 -0.23 7.52
C ASP A 62 -38.67 1.28 7.71
N ASN A 63 -38.03 2.05 6.86
CA ASN A 63 -38.06 3.51 7.01
C ASN A 63 -37.51 4.02 8.35
N VAL A 64 -36.48 3.39 8.90
CA VAL A 64 -35.88 3.88 10.14
C VAL A 64 -34.81 4.84 9.65
N SER A 65 -34.90 6.11 10.03
CA SER A 65 -33.85 7.10 9.69
C SER A 65 -32.55 6.87 10.44
N ALA A 66 -31.50 7.48 9.94
CA ALA A 66 -30.21 7.48 10.63
C ALA A 66 -30.26 8.37 11.87
N LYS A 67 -31.29 9.21 11.98
CA LYS A 67 -31.61 9.85 13.25
C LYS A 67 -32.07 8.80 14.27
N GLU A 68 -33.05 7.98 13.91
CA GLU A 68 -33.44 6.86 14.79
C GLU A 68 -32.34 5.82 15.00
N LEU A 69 -31.47 5.60 14.02
CA LEU A 69 -30.37 4.67 14.18
C LEU A 69 -29.30 5.20 15.14
N LYS A 70 -29.40 6.47 15.52
CA LYS A 70 -28.54 7.00 16.58
C LYS A 70 -28.85 6.35 17.94
N ASN A 71 -30.04 5.79 18.06
CA ASN A 71 -30.54 5.22 19.31
C ASN A 71 -29.93 3.83 19.48
N GLU A 72 -29.23 3.57 20.59
CA GLU A 72 -28.55 2.28 20.82
C GLU A 72 -29.52 1.10 20.81
N ALA A 73 -30.66 1.23 21.47
CA ALA A 73 -31.62 0.13 21.49
C ALA A 73 -32.19 -0.22 20.09
N THR A 74 -32.56 0.78 19.31
CA THR A 74 -32.97 0.56 17.92
C THR A 74 -31.88 -0.07 17.08
N GLN A 75 -30.67 0.45 17.23
CA GLN A 75 -29.55 -0.09 16.54
C GLN A 75 -29.32 -1.57 16.89
N LYS A 76 -29.36 -1.88 18.18
CA LYS A 76 -29.10 -3.24 18.62
C LYS A 76 -30.13 -4.19 18.01
N PHE A 77 -31.41 -3.80 18.07
CA PHE A 77 -32.49 -4.58 17.54
C PHE A 77 -32.26 -4.87 16.04
N TYR A 78 -31.94 -3.82 15.29
CA TYR A 78 -31.70 -3.96 13.86
C TYR A 78 -30.51 -4.84 13.47
N ARG A 79 -29.43 -4.79 14.26
CA ARG A 79 -28.32 -5.75 14.16
C ARG A 79 -28.77 -7.20 14.42
N ASP A 80 -29.46 -7.41 15.53
CA ASP A 80 -30.08 -8.73 15.78
C ASP A 80 -30.99 -9.20 14.64
N LEU A 81 -31.84 -8.31 14.12
CA LEU A 81 -32.79 -8.66 13.06
C LEU A 81 -32.00 -9.04 11.82
N ALA A 82 -30.98 -8.26 11.49
CA ALA A 82 -30.11 -8.58 10.35
C ALA A 82 -29.54 -9.99 10.48
N ALA A 83 -29.02 -10.32 11.66
CA ALA A 83 -28.41 -11.66 11.82
C ALA A 83 -29.47 -12.78 11.70
N LYS A 84 -30.64 -12.57 12.26
CA LYS A 84 -31.66 -13.63 12.31
C LYS A 84 -32.30 -13.76 10.94
N GLU A 85 -32.37 -12.63 10.24
CA GLU A 85 -32.84 -12.57 8.86
C GLU A 85 -32.08 -13.52 7.92
N ILE A 86 -30.75 -13.47 7.98
CA ILE A 86 -29.91 -14.42 7.24
C ILE A 86 -30.11 -15.87 7.69
N GLU A 87 -29.93 -16.14 8.98
CA GLU A 87 -30.24 -17.45 9.56
C GLU A 87 -31.52 -18.08 9.07
N ASN A 88 -32.64 -17.38 9.25
CA ASN A 88 -33.95 -17.93 8.90
C ASN A 88 -34.33 -17.77 7.43
N GLY A 89 -33.76 -16.79 6.75
CA GLY A 89 -34.20 -16.47 5.38
C GLY A 89 -33.76 -17.54 4.38
N GLY A 90 -33.93 -17.24 3.10
CA GLY A 90 -33.33 -18.06 2.04
C GLY A 90 -32.39 -17.31 1.11
N TYR A 91 -31.57 -16.42 1.68
CA TYR A 91 -30.70 -15.53 0.92
C TYR A 91 -29.49 -16.22 0.31
N LYS A 92 -29.05 -15.69 -0.82
CA LYS A 92 -27.89 -16.16 -1.53
C LYS A 92 -26.94 -15.00 -1.46
N ILE A 93 -25.86 -15.17 -0.70
CA ILE A 93 -24.85 -14.13 -0.56
C ILE A 93 -23.64 -14.49 -1.43
N THR A 94 -23.46 -13.76 -2.53
CA THR A 94 -22.38 -14.04 -3.49
C THR A 94 -21.19 -13.20 -3.11
N THR A 95 -20.08 -13.84 -2.73
CA THR A 95 -18.83 -13.14 -2.42
C THR A 95 -17.92 -13.04 -3.66
N THR A 96 -16.82 -12.29 -3.50
CA THR A 96 -15.88 -12.01 -4.58
C THR A 96 -14.77 -13.06 -4.54
N ILE A 97 -14.81 -13.89 -3.51
CA ILE A 97 -13.78 -14.90 -3.32
C ILE A 97 -13.75 -16.03 -4.37
N ASP A 98 -12.56 -16.24 -4.92
CA ASP A 98 -12.24 -17.30 -5.85
C ASP A 98 -11.85 -18.57 -5.11
N GLN A 99 -12.66 -19.61 -5.27
CA GLN A 99 -12.50 -20.83 -4.49
C GLN A 99 -11.09 -21.35 -4.64
N LYS A 100 -10.64 -21.53 -5.88
CA LYS A 100 -9.38 -22.21 -6.11
C LYS A 100 -8.21 -21.42 -5.54
N ILE A 101 -8.31 -20.10 -5.57
CA ILE A 101 -7.17 -19.24 -5.30
C ILE A 101 -7.11 -19.08 -3.78
N HIS A 102 -8.28 -18.96 -3.17
CA HIS A 102 -8.38 -18.80 -1.73
C HIS A 102 -8.03 -20.11 -1.04
N SER A 103 -8.45 -21.22 -1.65
CA SER A 103 -8.04 -22.52 -1.13
C SER A 103 -6.50 -22.71 -1.25
N ALA A 104 -5.90 -22.25 -2.37
CA ALA A 104 -4.43 -22.29 -2.52
C ALA A 104 -3.76 -21.40 -1.49
N MET A 105 -4.38 -20.30 -1.11
CA MET A 105 -3.72 -19.44 -0.15
C MET A 105 -3.80 -20.04 1.24
N GLN A 106 -4.89 -20.74 1.53
CA GLN A 106 -4.98 -21.44 2.80
C GLN A 106 -3.88 -22.51 2.89
N SER A 107 -3.62 -23.24 1.82
CA SER A 107 -2.69 -24.39 1.87
C SER A 107 -1.29 -23.85 1.94
N ALA A 108 -1.10 -22.67 1.34
CA ALA A 108 0.20 -22.06 1.38
C ALA A 108 0.53 -21.62 2.81
N VAL A 109 -0.39 -20.94 3.50
CA VAL A 109 -0.09 -20.60 4.91
C VAL A 109 0.07 -21.83 5.82
N ALA A 110 -0.74 -22.86 5.57
CA ALA A 110 -0.64 -24.15 6.28
C ALA A 110 0.75 -24.76 6.05
N ASP A 111 1.16 -24.88 4.79
CA ASP A 111 2.43 -25.49 4.45
C ASP A 111 3.67 -24.64 4.72
N TYR A 112 3.57 -23.32 4.56
CA TYR A 112 4.79 -22.51 4.55
C TYR A 112 4.75 -21.43 5.59
N GLY A 113 3.65 -21.41 6.35
CA GLY A 113 3.55 -20.53 7.51
C GLY A 113 4.78 -20.51 8.40
N TYR A 114 5.35 -21.69 8.64
CA TYR A 114 6.45 -21.82 9.62
C TYR A 114 7.69 -21.05 9.15
N LEU A 115 7.73 -20.68 7.87
CA LEU A 115 8.88 -19.90 7.39
C LEU A 115 8.96 -18.51 8.06
N LEU A 116 7.81 -18.02 8.54
CA LEU A 116 7.75 -16.78 9.32
C LEU A 116 8.43 -16.84 10.68
N ASP A 117 8.49 -18.02 11.30
CA ASP A 117 8.91 -18.06 12.68
C ASP A 117 10.39 -17.78 12.76
N ASP A 118 10.78 -16.82 13.59
CA ASP A 118 12.07 -16.16 13.37
C ASP A 118 12.84 -16.18 14.64
N GLY A 119 12.43 -17.00 15.60
CA GLY A 119 13.01 -16.96 16.93
C GLY A 119 12.44 -15.96 17.93
N THR A 120 11.33 -15.30 17.60
CA THR A 120 10.67 -14.44 18.56
C THR A 120 9.30 -14.95 18.99
N GLY A 121 9.11 -16.27 19.01
CA GLY A 121 7.79 -16.84 19.25
C GLY A 121 7.02 -16.95 17.95
N ARG A 122 5.91 -17.67 17.96
CA ARG A 122 5.06 -17.81 16.76
C ARG A 122 4.63 -16.48 16.15
N VAL A 123 4.84 -16.37 14.85
CA VAL A 123 4.61 -15.10 14.16
C VAL A 123 3.25 -15.12 13.46
N GLU A 124 2.47 -14.06 13.63
CA GLU A 124 1.16 -14.02 12.99
C GLU A 124 1.21 -13.33 11.62
N VAL A 125 0.18 -13.53 10.80
CA VAL A 125 0.29 -13.16 9.41
C VAL A 125 -1.08 -12.74 8.86
N GLY A 126 -1.11 -11.78 7.95
CA GLY A 126 -2.35 -11.47 7.25
C GLY A 126 -2.04 -11.13 5.81
N ASN A 127 -2.90 -11.60 4.90
CA ASN A 127 -2.74 -11.32 3.48
C ASN A 127 -4.08 -11.07 2.78
N VAL A 128 -4.07 -10.21 1.77
CA VAL A 128 -5.28 -9.88 1.01
C VAL A 128 -4.89 -9.72 -0.45
N LEU A 129 -5.52 -10.54 -1.29
CA LEU A 129 -5.27 -10.52 -2.73
C LEU A 129 -6.41 -9.80 -3.41
N MET A 130 -6.11 -8.71 -4.09
CA MET A 130 -7.16 -7.83 -4.64
C MET A 130 -7.02 -7.64 -6.17
N ASP A 131 -8.16 -7.62 -6.86
CA ASP A 131 -8.20 -7.33 -8.30
C ASP A 131 -8.02 -5.82 -8.55
N ASN A 132 -7.01 -5.39 -9.30
CA ASN A 132 -6.77 -3.95 -9.37
C ASN A 132 -7.83 -3.19 -10.18
N GLN A 133 -8.57 -3.90 -11.02
CA GLN A 133 -9.58 -3.24 -11.85
CA GLN A 133 -9.55 -3.21 -11.83
C GLN A 133 -10.94 -3.09 -11.18
N THR A 134 -11.19 -3.88 -10.13
CA THR A 134 -12.52 -3.87 -9.54
C THR A 134 -12.50 -3.63 -8.04
N GLY A 135 -11.34 -3.83 -7.42
CA GLY A 135 -11.25 -3.80 -5.95
C GLY A 135 -11.83 -5.04 -5.30
N ALA A 136 -12.26 -6.00 -6.12
CA ALA A 136 -12.81 -7.23 -5.58
C ALA A 136 -11.75 -8.01 -4.88
N ILE A 137 -12.07 -8.58 -3.72
CA ILE A 137 -11.10 -9.44 -3.02
C ILE A 137 -11.21 -10.93 -3.37
N LEU A 138 -10.12 -11.46 -3.94
CA LEU A 138 -10.14 -12.77 -4.57
C LEU A 138 -9.79 -13.88 -3.56
N GLY A 139 -9.02 -13.53 -2.53
CA GLY A 139 -8.85 -14.40 -1.35
C GLY A 139 -7.94 -13.75 -0.32
N PHE A 140 -7.74 -14.40 0.81
CA PHE A 140 -7.00 -13.73 1.89
C PHE A 140 -6.51 -14.76 2.87
N VAL A 141 -5.50 -14.38 3.66
CA VAL A 141 -5.09 -15.19 4.78
C VAL A 141 -5.44 -14.38 6.03
N GLY A 142 -6.21 -14.97 6.93
CA GLY A 142 -6.56 -14.26 8.17
C GLY A 142 -5.60 -14.55 9.32
N GLY A 143 -4.76 -15.57 9.15
CA GLY A 143 -3.86 -15.98 10.23
C GLY A 143 -3.20 -17.32 10.01
N ARG A 144 -2.33 -17.70 10.94
CA ARG A 144 -1.61 -18.98 10.84
C ARG A 144 -2.55 -20.19 10.87
N ASN A 145 -3.53 -20.18 11.76
CA ASN A 145 -4.39 -21.34 11.97
C ASN A 145 -5.53 -20.91 12.88
N TYR A 146 -6.71 -20.68 12.27
CA TYR A 146 -7.92 -20.25 12.99
C TYR A 146 -8.14 -21.03 14.28
N GLN A 147 -7.88 -22.34 14.22
CA GLN A 147 -8.15 -23.27 15.33
C GLN A 147 -7.27 -22.99 16.55
N GLU A 148 -6.13 -22.33 16.35
CA GLU A 148 -5.24 -22.04 17.46
C GLU A 148 -5.39 -20.60 17.88
N ASN A 149 -5.64 -19.74 16.92
CA ASN A 149 -5.80 -18.34 17.22
C ASN A 149 -6.79 -17.77 16.22
N GLN A 150 -7.90 -17.24 16.73
CA GLN A 150 -8.99 -16.75 15.87
C GLN A 150 -8.85 -15.31 15.33
N ASN A 151 -7.96 -14.51 15.91
CA ASN A 151 -7.82 -13.11 15.43
C ASN A 151 -7.66 -13.07 13.91
N ASN A 152 -8.39 -12.15 13.29
CA ASN A 152 -8.40 -12.05 11.84
C ASN A 152 -7.49 -10.93 11.42
N HIS A 153 -6.35 -11.28 10.85
CA HIS A 153 -5.25 -10.33 10.65
C HIS A 153 -5.36 -9.67 9.30
N ALA A 154 -6.40 -10.04 8.54
CA ALA A 154 -6.51 -9.45 7.20
C ALA A 154 -7.48 -8.28 7.26
N PHE A 155 -8.54 -8.45 8.08
CA PHE A 155 -9.69 -7.54 8.15
C PHE A 155 -9.88 -6.81 9.49
N ASP A 156 -9.28 -7.32 10.58
CA ASP A 156 -9.60 -6.77 11.89
C ASP A 156 -8.43 -6.04 12.50
N THR A 157 -7.30 -6.71 12.61
CA THR A 157 -6.15 -6.10 13.25
C THR A 157 -5.68 -4.81 12.53
N LYS A 158 -5.70 -3.68 13.24
CA LYS A 158 -5.14 -2.44 12.70
C LYS A 158 -3.71 -2.26 13.17
N ARG A 159 -2.77 -1.97 12.28
CA ARG A 159 -1.37 -1.86 12.67
C ARG A 159 -0.69 -0.71 11.91
N SER A 160 0.41 -0.17 12.43
CA SER A 160 1.13 0.84 11.63
C SER A 160 1.64 0.24 10.34
N PRO A 161 1.45 0.90 9.21
CA PRO A 161 1.91 0.36 7.93
C PRO A 161 3.39 0.72 7.61
N ALA A 162 4.08 1.30 8.60
CA ALA A 162 5.47 1.73 8.53
C ALA A 162 5.86 2.47 7.26
N SER A 163 7.00 2.11 6.70
CA SER A 163 7.50 2.75 5.48
C SER A 163 6.72 2.48 4.21
N THR A 164 5.72 1.59 4.23
CA THR A 164 4.87 1.44 3.06
C THR A 164 3.86 2.59 2.90
N THR A 165 3.91 3.54 3.82
CA THR A 165 3.09 4.78 3.76
C THR A 165 3.73 5.79 2.81
N LYS A 166 5.05 5.64 2.57
CA LYS A 166 5.86 6.66 1.85
C LYS A 166 5.39 6.91 0.40
N PRO A 167 5.24 5.84 -0.39
CA PRO A 167 4.82 6.02 -1.77
C PRO A 167 3.47 6.72 -1.87
N LEU A 168 2.61 6.54 -0.86
CA LEU A 168 1.22 7.01 -0.91
C LEU A 168 1.08 8.43 -0.42
N LEU A 169 1.72 8.69 0.69
CA LEU A 169 1.34 9.85 1.43
C LEU A 169 2.42 10.91 1.25
N ALA A 170 3.60 10.50 0.79
CA ALA A 170 4.69 11.48 0.63
C ALA A 170 5.12 11.67 -0.82
N TYR A 171 5.76 10.67 -1.42
CA TYR A 171 6.34 10.89 -2.73
C TYR A 171 5.24 10.94 -3.75
N GLY A 172 4.28 10.02 -3.66
CA GLY A 172 3.16 10.01 -4.60
C GLY A 172 2.53 11.39 -4.69
N ILE A 173 2.30 12.00 -3.53
CA ILE A 173 1.49 13.24 -3.54
C ILE A 173 2.38 14.40 -4.03
N ALA A 174 3.61 14.47 -3.51
CA ALA A 174 4.63 15.37 -4.05
C ALA A 174 4.69 15.30 -5.59
N ILE A 175 4.85 14.09 -6.14
CA ILE A 175 4.88 13.95 -7.59
C ILE A 175 3.59 14.47 -8.24
N ASP A 176 2.45 14.12 -7.64
CA ASP A 176 1.17 14.50 -8.18
C ASP A 176 1.07 16.00 -8.28
N GLN A 177 1.70 16.68 -7.33
CA GLN A 177 1.51 18.10 -7.16
C GLN A 177 2.50 18.93 -7.95
N GLY A 178 3.36 18.29 -8.75
CA GLY A 178 4.33 19.04 -9.56
C GLY A 178 5.50 19.51 -8.69
N LEU A 179 5.76 18.80 -7.60
CA LEU A 179 6.74 19.22 -6.59
C LEU A 179 8.00 18.33 -6.59
N MET A 180 8.08 17.41 -7.55
CA MET A 180 9.02 16.27 -7.51
C MET A 180 8.95 15.52 -8.84
N GLY A 181 10.10 15.09 -9.33
CA GLY A 181 10.14 14.15 -10.44
C GLY A 181 10.87 12.87 -10.05
N SER A 182 10.93 11.93 -10.99
CA SER A 182 11.46 10.58 -10.73
C SER A 182 12.94 10.63 -10.29
N GLU A 183 13.69 11.59 -10.82
CA GLU A 183 15.09 11.78 -10.47
C GLU A 183 15.35 13.07 -9.69
N THR A 184 14.35 13.60 -9.01
CA THR A 184 14.58 14.63 -8.01
C THR A 184 15.61 14.20 -6.95
N ILE A 185 16.44 15.15 -6.50
CA ILE A 185 17.34 14.97 -5.33
C ILE A 185 16.68 15.33 -3.99
N LEU A 186 16.84 14.47 -2.98
CA LEU A 186 16.40 14.76 -1.62
C LEU A 186 17.60 14.80 -0.68
N SER A 187 17.48 15.64 0.36
CA SER A 187 18.41 15.60 1.46
C SER A 187 18.20 14.36 2.33
N ASN A 188 19.30 13.64 2.57
CA ASN A 188 19.36 12.66 3.66
C ASN A 188 20.44 12.99 4.68
N TYR A 189 20.81 14.27 4.79
CA TYR A 189 21.71 14.68 5.85
C TYR A 189 21.06 14.52 7.23
N PRO A 190 21.86 14.51 8.29
CA PRO A 190 21.32 14.51 9.68
C PRO A 190 20.34 15.64 9.99
N THR A 191 19.25 15.33 10.68
CA THR A 191 18.29 16.36 11.06
C THR A 191 17.39 15.88 12.20
N ASN A 192 16.82 16.82 12.98
CA ASN A 192 16.03 16.39 14.13
C ASN A 192 14.52 16.56 13.96
N PHE A 193 13.75 15.71 14.62
CA PHE A 193 12.33 15.93 14.76
C PHE A 193 12.11 17.20 15.62
N ALA A 194 10.89 17.73 15.54
CA ALA A 194 10.48 18.83 16.39
C ALA A 194 10.81 18.65 17.88
N ASN A 195 10.75 17.41 18.40
CA ASN A 195 11.06 17.16 19.81
C ASN A 195 12.56 17.15 20.09
N GLY A 196 13.39 17.36 19.07
CA GLY A 196 14.84 17.44 19.25
C GLY A 196 15.57 16.11 19.06
N ASN A 197 14.85 14.99 19.06
CA ASN A 197 15.40 13.67 18.69
C ASN A 197 15.90 13.55 17.23
N PRO A 198 17.00 12.83 16.98
CA PRO A 198 17.50 12.70 15.61
C PRO A 198 16.58 11.80 14.84
N ILE A 199 16.34 12.10 13.56
CA ILE A 199 15.71 11.13 12.65
C ILE A 199 16.68 9.95 12.29
N MET A 200 16.31 8.75 12.69
CA MET A 200 17.15 7.57 12.51
C MET A 200 16.75 6.67 11.33
N TYR A 201 17.74 5.97 10.80
CA TYR A 201 17.49 4.81 9.94
C TYR A 201 18.43 3.74 10.43
N ALA A 202 17.87 2.68 11.01
CA ALA A 202 18.61 1.83 11.96
C ALA A 202 19.63 2.65 12.78
N ASN A 203 20.92 2.37 12.68
CA ASN A 203 21.88 3.15 13.45
C ASN A 203 22.51 4.32 12.72
N SER A 204 21.91 4.72 11.61
CA SER A 204 22.39 5.85 10.83
C SER A 204 21.64 7.16 11.11
N LYS A 205 22.41 8.18 11.48
CA LYS A 205 21.88 9.55 11.52
C LYS A 205 21.77 10.14 10.11
N GLY A 206 22.15 9.35 9.10
CA GLY A 206 21.93 9.71 7.68
C GLY A 206 23.21 9.91 6.91
N THR A 207 23.12 10.44 5.70
CA THR A 207 24.29 10.56 4.81
C THR A 207 24.40 11.94 4.15
N GLY A 208 24.08 12.02 2.85
CA GLY A 208 23.97 13.32 2.16
C GLY A 208 22.83 13.31 1.17
N MET A 209 23.03 14.00 0.05
CA MET A 209 22.00 14.08 -0.97
C MET A 209 21.78 12.74 -1.66
N MET A 210 20.56 12.44 -2.08
CA MET A 210 20.30 11.20 -2.83
C MET A 210 19.09 11.36 -3.73
N THR A 211 19.06 10.53 -4.77
CA THR A 211 17.93 10.51 -5.69
C THR A 211 16.72 9.89 -4.97
N LEU A 212 15.54 10.26 -5.45
CA LEU A 212 14.30 9.63 -5.07
C LEU A 212 14.31 8.10 -5.18
N GLY A 213 14.95 7.56 -6.21
CA GLY A 213 15.06 6.13 -6.39
C GLY A 213 15.85 5.50 -5.26
N GLU A 214 16.97 6.12 -4.89
CA GLU A 214 17.80 5.56 -3.83
C GLU A 214 17.06 5.61 -2.47
N ALA A 215 16.39 6.74 -2.24
CA ALA A 215 15.56 6.94 -1.08
C ALA A 215 14.48 5.88 -0.98
N LEU A 216 13.81 5.57 -2.10
CA LEU A 216 12.84 4.49 -2.07
C LEU A 216 13.44 3.08 -1.89
N ASN A 217 14.56 2.83 -2.55
CA ASN A 217 15.09 1.47 -2.57
C ASN A 217 15.58 1.12 -1.16
N TYR A 218 16.20 2.09 -0.48
CA TYR A 218 16.72 1.89 0.87
C TYR A 218 15.65 2.11 1.94
N SER A 219 14.61 2.85 1.59
CA SER A 219 13.63 3.30 2.58
C SER A 219 14.18 4.30 3.62
N TRP A 220 15.13 5.14 3.22
CA TRP A 220 15.66 6.13 4.15
C TRP A 220 14.47 6.93 4.67
N ASN A 221 14.61 7.49 5.86
CA ASN A 221 13.53 8.24 6.49
C ASN A 221 13.62 9.76 6.29
N ILE A 222 14.82 10.32 6.34
CA ILE A 222 14.92 11.79 6.28
C ILE A 222 14.35 12.38 4.98
N PRO A 223 14.56 11.72 3.85
CA PRO A 223 14.05 12.27 2.60
C PRO A 223 12.52 12.30 2.61
N ALA A 224 11.92 11.33 3.30
CA ALA A 224 10.46 11.18 3.39
C ALA A 224 9.93 12.28 4.29
N TYR A 225 10.69 12.57 5.33
CA TYR A 225 10.30 13.57 6.30
C TYR A 225 10.27 14.95 5.63
N TRP A 226 11.33 15.29 4.92
CA TRP A 226 11.36 16.53 4.17
C TRP A 226 10.24 16.64 3.12
N THR A 227 9.90 15.55 2.45
CA THR A 227 8.86 15.57 1.45
C THR A 227 7.52 15.96 2.11
N TYR A 228 7.23 15.33 3.24
CA TYR A 228 5.98 15.60 3.92
C TYR A 228 5.96 17.01 4.50
N ARG A 229 7.11 17.48 5.00
CA ARG A 229 7.28 18.86 5.47
C ARG A 229 6.90 19.79 4.35
N MET A 230 7.40 19.47 3.15
CA MET A 230 7.21 20.32 2.01
C MET A 230 5.72 20.42 1.73
N LEU A 231 5.03 19.29 1.88
CA LEU A 231 3.59 19.25 1.58
C LEU A 231 2.82 20.14 2.54
N ARG A 232 3.13 20.01 3.82
CA ARG A 232 2.54 20.80 4.88
C ARG A 232 2.80 22.27 4.62
N GLU A 233 4.06 22.59 4.30
CA GLU A 233 4.43 23.95 4.06
C GLU A 233 3.61 24.51 2.91
N ASN A 234 3.36 23.70 1.90
CA ASN A 234 2.58 24.20 0.76
C ASN A 234 1.08 24.12 0.95
N GLY A 235 0.63 23.68 2.12
CA GLY A 235 -0.80 23.50 2.39
C GLY A 235 -1.51 22.57 1.41
N VAL A 236 -0.80 21.51 0.99
CA VAL A 236 -1.36 20.47 0.12
C VAL A 236 -2.45 19.71 0.87
N ASP A 237 -3.55 19.38 0.20
CA ASP A 237 -4.63 18.65 0.87
C ASP A 237 -4.27 17.15 0.83
N VAL A 238 -3.35 16.75 1.68
CA VAL A 238 -3.01 15.33 1.85
C VAL A 238 -4.23 14.47 2.24
N LYS A 239 -5.09 14.99 3.14
CA LYS A 239 -6.33 14.32 3.59
C LYS A 239 -7.26 13.98 2.42
N GLY A 240 -7.37 14.92 1.47
CA GLY A 240 -8.21 14.70 0.29
C GLY A 240 -7.80 13.42 -0.42
N TYR A 241 -6.51 13.27 -0.67
CA TYR A 241 -5.98 12.01 -1.22
C TYR A 241 -6.31 10.79 -0.36
N MET A 242 -5.87 10.81 0.90
CA MET A 242 -5.94 9.62 1.76
C MET A 242 -7.39 9.17 2.01
N GLU A 243 -8.32 10.11 2.12
CA GLU A 243 -9.74 9.81 2.36
C GLU A 243 -10.49 9.27 1.15
N LYS A 244 -10.19 9.79 -0.02
CA LYS A 244 -10.52 9.14 -1.26
C LYS A 244 -10.21 7.62 -1.31
N MET A 245 -9.10 7.20 -0.72
CA MET A 245 -8.73 5.77 -0.62
C MET A 245 -9.29 5.08 0.62
N GLY A 246 -10.05 5.82 1.42
CA GLY A 246 -10.70 5.23 2.61
C GLY A 246 -9.85 5.12 3.86
N TYR A 247 -8.69 5.77 3.89
CA TYR A 247 -7.88 5.80 5.12
C TYR A 247 -8.47 6.79 6.12
N GLU A 248 -8.42 6.45 7.40
CA GLU A 248 -8.69 7.43 8.47
C GLU A 248 -7.42 7.62 9.34
N ILE A 249 -6.93 8.85 9.32
CA ILE A 249 -5.75 9.31 10.06
C ILE A 249 -6.25 10.51 10.85
N PRO A 250 -6.04 10.50 12.16
CA PRO A 250 -6.58 11.55 13.04
C PRO A 250 -5.75 12.86 13.05
N GLU A 251 -4.45 12.77 12.82
CA GLU A 251 -3.60 13.96 12.85
C GLU A 251 -2.67 13.99 11.64
N TYR A 252 -2.93 14.92 10.72
CA TYR A 252 -2.12 15.01 9.52
C TYR A 252 -0.82 15.80 9.77
N GLY A 253 -0.66 16.35 10.96
CA GLY A 253 0.48 17.23 11.22
C GLY A 253 1.69 16.45 11.72
N ILE A 254 1.49 15.15 12.03
CA ILE A 254 2.52 14.26 12.55
C ILE A 254 3.69 14.26 11.56
N GLU A 255 4.90 14.49 12.05
CA GLU A 255 6.09 14.50 11.21
C GLU A 255 6.49 13.15 10.59
N SER A 256 6.21 12.05 11.30
CA SER A 256 6.66 10.71 10.92
C SER A 256 5.51 9.96 10.22
N LEU A 257 4.51 10.72 9.82
CA LEU A 257 3.41 10.14 9.09
C LEU A 257 3.86 9.25 7.91
N PRO A 258 4.78 9.72 7.07
CA PRO A 258 5.25 8.83 5.99
C PRO A 258 5.98 7.55 6.47
N MET A 259 6.46 7.53 7.73
CA MET A 259 7.11 6.31 8.27
C MET A 259 6.09 5.43 9.03
N GLY A 260 4.81 5.82 9.02
CA GLY A 260 3.78 5.06 9.74
C GLY A 260 3.40 5.54 11.12
N GLY A 261 4.01 6.65 11.57
CA GLY A 261 3.57 7.29 12.79
C GLY A 261 2.19 7.88 12.61
N GLY A 262 1.29 7.58 13.54
CA GLY A 262 -0.04 8.23 13.56
C GLY A 262 -1.01 7.68 12.52
N ILE A 263 -0.69 6.53 11.96
CA ILE A 263 -1.62 5.86 11.07
C ILE A 263 -1.65 4.40 11.48
N GLU A 264 -2.84 3.82 11.62
CA GLU A 264 -2.98 2.35 11.72
C GLU A 264 -3.98 1.85 10.71
N VAL A 265 -3.69 0.71 10.05
CA VAL A 265 -4.56 0.16 9.01
C VAL A 265 -4.68 -1.35 9.09
N THR A 266 -5.80 -1.87 8.61
CA THR A 266 -5.88 -3.28 8.31
C THR A 266 -5.16 -3.59 7.00
N VAL A 267 -4.90 -4.88 6.76
CA VAL A 267 -4.25 -5.30 5.51
C VAL A 267 -5.16 -5.08 4.31
N ALA A 268 -6.46 -5.35 4.50
CA ALA A 268 -7.37 -5.12 3.39
C ALA A 268 -7.39 -3.63 3.02
N GLN A 269 -7.47 -2.71 4.00
CA GLN A 269 -7.51 -1.28 3.63
C GLN A 269 -6.23 -0.85 2.89
N HIS A 270 -5.09 -1.36 3.35
CA HIS A 270 -3.80 -0.88 2.89
C HIS A 270 -3.51 -1.43 1.51
N THR A 271 -4.00 -2.64 1.26
CA THR A 271 -3.96 -3.24 -0.06
C THR A 271 -4.72 -2.33 -1.00
N ASN A 272 -5.86 -1.81 -0.56
CA ASN A 272 -6.65 -0.93 -1.42
C ASN A 272 -5.82 0.33 -1.78
N GLY A 273 -4.84 0.71 -0.95
CA GLY A 273 -4.00 1.88 -1.27
C GLY A 273 -3.02 1.55 -2.40
N TYR A 274 -2.45 0.36 -2.34
CA TYR A 274 -1.57 -0.12 -3.40
C TYR A 274 -2.33 -0.50 -4.67
N GLN A 275 -3.59 -0.93 -4.54
CA GLN A 275 -4.47 -1.11 -5.71
C GLN A 275 -4.63 0.18 -6.56
N THR A 276 -4.73 1.31 -5.87
CA THR A 276 -4.96 2.59 -6.50
C THR A 276 -3.72 2.96 -7.31
N LEU A 277 -2.54 2.76 -6.73
CA LEU A 277 -1.30 3.03 -7.44
C LEU A 277 -1.12 2.07 -8.61
N ALA A 278 -1.44 0.80 -8.42
CA ALA A 278 -1.23 -0.19 -9.49
C ALA A 278 -2.19 0.09 -10.63
N ASN A 279 -3.42 0.51 -10.31
CA ASN A 279 -4.46 0.76 -11.34
C ASN A 279 -4.33 2.16 -11.95
N ASN A 280 -3.10 2.61 -12.20
CA ASN A 280 -2.88 3.92 -12.80
C ASN A 280 -3.61 5.05 -12.09
N GLY A 281 -3.61 4.99 -10.76
CA GLY A 281 -4.13 6.08 -9.92
C GLY A 281 -5.62 6.05 -9.64
N VAL A 282 -6.30 5.01 -10.12
CA VAL A 282 -7.76 4.95 -10.05
C VAL A 282 -8.18 3.96 -8.95
N TYR A 283 -8.76 4.52 -7.90
CA TYR A 283 -9.27 3.76 -6.78
C TYR A 283 -10.53 2.96 -7.12
N HIS A 284 -10.61 1.71 -6.66
CA HIS A 284 -11.88 1.00 -6.61
C HIS A 284 -12.06 0.52 -5.17
N GLN A 285 -13.19 0.80 -4.56
CA GLN A 285 -13.38 0.37 -3.17
C GLN A 285 -13.35 -1.15 -2.94
N LYS A 286 -12.46 -1.59 -2.04
CA LYS A 286 -12.35 -3.01 -1.66
C LYS A 286 -13.73 -3.61 -1.30
N HIS A 287 -13.95 -4.89 -1.58
CA HIS A 287 -15.16 -5.52 -1.11
C HIS A 287 -15.02 -7.02 -1.21
N VAL A 288 -15.71 -7.73 -0.29
CA VAL A 288 -15.81 -9.15 -0.34
C VAL A 288 -17.23 -9.62 -0.76
N ILE A 289 -18.23 -8.73 -0.74
CA ILE A 289 -19.60 -9.12 -1.16
C ILE A 289 -19.92 -8.47 -2.49
N SER A 290 -20.38 -9.25 -3.47
CA SER A 290 -20.77 -8.58 -4.67
C SER A 290 -22.28 -8.42 -4.71
N LYS A 291 -23.01 -9.38 -4.13
CA LYS A 291 -24.49 -9.31 -4.26
C LYS A 291 -25.15 -10.10 -3.14
N ILE A 292 -26.28 -9.60 -2.62
CA ILE A 292 -27.16 -10.44 -1.81
C ILE A 292 -28.54 -10.48 -2.41
N GLU A 293 -29.02 -11.69 -2.69
CA GLU A 293 -30.37 -11.92 -3.22
C GLU A 293 -31.20 -12.71 -2.24
N ALA A 294 -32.48 -12.35 -2.14
CA ALA A 294 -33.46 -13.17 -1.43
C ALA A 294 -33.65 -14.45 -2.21
N ALA A 295 -34.34 -15.42 -1.62
CA ALA A 295 -34.65 -16.67 -2.31
C ALA A 295 -35.33 -16.44 -3.66
N ASP A 296 -36.22 -15.46 -3.72
CA ASP A 296 -36.98 -15.23 -4.95
C ASP A 296 -36.24 -14.45 -6.04
N GLY A 297 -34.99 -14.08 -5.77
CA GLY A 297 -34.24 -13.33 -6.77
C GLY A 297 -34.19 -11.82 -6.58
N ARG A 298 -34.96 -11.28 -5.64
CA ARG A 298 -34.85 -9.86 -5.32
C ARG A 298 -33.42 -9.50 -4.93
N VAL A 299 -32.84 -8.52 -5.61
CA VAL A 299 -31.48 -8.09 -5.25
C VAL A 299 -31.51 -7.12 -4.08
N VAL A 300 -31.21 -7.59 -2.88
CA VAL A 300 -31.32 -6.72 -1.71
C VAL A 300 -30.10 -5.86 -1.45
N TYR A 301 -28.97 -6.27 -2.00
CA TYR A 301 -27.76 -5.44 -2.00
C TYR A 301 -26.91 -5.85 -3.18
N GLU A 302 -26.18 -4.89 -3.71
CA GLU A 302 -25.27 -5.14 -4.80
C GLU A 302 -24.17 -4.11 -4.75
N TYR A 303 -22.94 -4.54 -5.00
CA TYR A 303 -21.79 -3.68 -4.95
C TYR A 303 -21.94 -2.73 -6.11
N GLN A 304 -21.61 -1.46 -5.87
CA GLN A 304 -21.72 -0.40 -6.87
C GLN A 304 -20.33 0.20 -7.02
N ASP A 305 -19.79 0.12 -8.24
CA ASP A 305 -18.46 0.60 -8.53
C ASP A 305 -18.47 2.12 -8.57
N LYS A 306 -17.59 2.76 -7.79
CA LYS A 306 -17.44 4.22 -7.77
C LYS A 306 -15.98 4.63 -7.95
N PRO A 307 -15.43 4.40 -9.15
CA PRO A 307 -14.01 4.66 -9.44
C PRO A 307 -13.60 6.11 -9.18
N VAL A 308 -12.41 6.33 -8.63
CA VAL A 308 -11.93 7.70 -8.37
C VAL A 308 -10.48 7.84 -8.84
N GLN A 309 -10.15 8.96 -9.48
CA GLN A 309 -8.81 9.21 -9.95
C GLN A 309 -8.12 9.92 -8.79
N VAL A 310 -7.32 9.21 -8.03
CA VAL A 310 -6.72 9.73 -6.82
C VAL A 310 -5.37 10.39 -7.12
N TYR A 311 -4.58 9.76 -7.96
CA TYR A 311 -3.36 10.35 -8.47
C TYR A 311 -3.57 10.43 -9.97
N SER A 312 -2.96 11.43 -10.62
CA SER A 312 -2.93 11.49 -12.10
C SER A 312 -2.33 10.19 -12.63
N LYS A 313 -2.80 9.73 -13.80
CA LYS A 313 -2.11 8.62 -14.48
C LYS A 313 -0.57 8.82 -14.59
N ALA A 314 -0.13 10.03 -14.90
CA ALA A 314 1.30 10.33 -14.92
C ALA A 314 1.95 9.95 -13.59
N THR A 315 1.41 10.47 -12.49
CA THR A 315 1.94 10.13 -11.16
C THR A 315 2.00 8.62 -10.89
N ALA A 316 0.86 7.96 -11.06
CA ALA A 316 0.77 6.52 -10.74
C ALA A 316 1.85 5.77 -11.50
N THR A 317 1.99 6.08 -12.78
CA THR A 317 2.84 5.25 -13.64
C THR A 317 4.31 5.60 -13.36
N ILE A 318 4.57 6.87 -13.05
CA ILE A 318 5.90 7.21 -12.53
C ILE A 318 6.24 6.37 -11.29
N MET A 319 5.28 6.27 -10.37
CA MET A 319 5.49 5.52 -9.11
C MET A 319 5.66 4.01 -9.32
N GLN A 320 4.85 3.41 -10.20
CA GLN A 320 5.05 2.04 -10.67
C GLN A 320 6.51 1.84 -11.05
N GLY A 321 7.10 2.81 -11.76
CA GLY A 321 8.45 2.64 -12.25
C GLY A 321 9.43 2.63 -11.09
N LEU A 322 9.18 3.47 -10.08
CA LEU A 322 10.10 3.57 -8.93
C LEU A 322 9.98 2.32 -8.07
N LEU A 323 8.77 1.80 -7.96
CA LEU A 323 8.53 0.68 -7.08
C LEU A 323 8.98 -0.63 -7.69
N ARG A 324 9.09 -0.68 -9.01
CA ARG A 324 9.69 -1.85 -9.66
C ARG A 324 11.13 -1.98 -9.18
N GLU A 325 11.87 -0.88 -9.16
CA GLU A 325 13.28 -0.89 -8.70
C GLU A 325 13.37 -1.22 -7.22
N VAL A 326 12.43 -0.77 -6.40
CA VAL A 326 12.45 -1.24 -5.01
C VAL A 326 12.68 -2.74 -4.91
N LEU A 327 11.88 -3.54 -5.61
CA LEU A 327 12.01 -5.01 -5.54
C LEU A 327 13.26 -5.52 -6.28
N SER A 328 13.54 -5.02 -7.49
CA SER A 328 14.69 -5.47 -8.28
CA SER A 328 14.69 -5.50 -8.27
C SER A 328 16.00 -5.13 -7.61
N SER A 329 16.02 -4.06 -6.83
CA SER A 329 17.23 -3.69 -6.12
C SER A 329 17.57 -4.68 -4.98
N ARG A 330 16.56 -5.37 -4.44
CA ARG A 330 16.76 -6.30 -3.32
C ARG A 330 17.44 -5.66 -2.08
N VAL A 331 17.29 -4.34 -1.91
CA VAL A 331 17.89 -3.74 -0.72
C VAL A 331 17.11 -4.10 0.55
N THR A 332 15.78 -3.97 0.50
CA THR A 332 14.98 -4.15 1.71
C THR A 332 14.14 -5.43 1.78
N THR A 333 14.23 -6.24 0.73
CA THR A 333 13.53 -7.48 0.59
C THR A 333 14.26 -8.43 -0.36
N THR A 334 14.32 -9.71 0.06
CA THR A 334 14.83 -10.79 -0.76
C THR A 334 13.79 -11.34 -1.74
N PHE A 335 12.62 -10.72 -1.84
CA PHE A 335 11.46 -11.34 -2.52
C PHE A 335 11.77 -11.78 -3.96
N LYS A 336 12.42 -10.94 -4.78
CA LYS A 336 12.59 -11.31 -6.21
C LYS A 336 13.56 -12.49 -6.33
N SER A 337 14.55 -12.58 -5.45
CA SER A 337 15.41 -13.76 -5.42
C SER A 337 14.62 -14.99 -5.04
N ASN A 338 13.79 -14.90 -4.01
CA ASN A 338 13.02 -16.07 -3.54
C ASN A 338 12.10 -16.51 -4.68
N LEU A 339 11.46 -15.54 -5.35
CA LEU A 339 10.49 -15.87 -6.42
C LEU A 339 11.16 -16.47 -7.67
N THR A 340 12.26 -15.87 -8.11
CA THR A 340 13.00 -16.37 -9.25
C THR A 340 13.38 -17.82 -9.11
N SER A 341 13.78 -18.24 -7.90
CA SER A 341 14.05 -19.65 -7.63
C SER A 341 12.80 -20.51 -7.68
N LEU A 342 11.74 -20.07 -7.01
CA LEU A 342 10.51 -20.83 -7.02
C LEU A 342 9.91 -20.94 -8.39
N ASN A 343 9.85 -19.84 -9.11
CA ASN A 343 9.07 -19.80 -10.31
C ASN A 343 9.62 -18.72 -11.23
N PRO A 344 10.64 -19.04 -12.02
CA PRO A 344 11.35 -18.01 -12.77
C PRO A 344 10.39 -17.28 -13.73
N THR A 345 9.53 -18.03 -14.40
CA THR A 345 8.54 -17.42 -15.33
C THR A 345 7.62 -16.42 -14.65
N LEU A 346 7.11 -16.78 -13.48
CA LEU A 346 6.31 -15.82 -12.75
C LEU A 346 7.15 -14.63 -12.23
N ALA A 347 8.38 -14.87 -11.78
CA ALA A 347 9.22 -13.77 -11.34
C ALA A 347 9.44 -12.74 -12.46
N ASN A 348 9.29 -13.18 -13.71
CA ASN A 348 9.41 -12.28 -14.84
C ASN A 348 8.13 -11.56 -15.21
N ALA A 349 7.03 -11.77 -14.49
CA ALA A 349 5.91 -10.79 -14.54
C ALA A 349 6.37 -9.42 -14.00
N ASP A 350 5.57 -8.37 -14.17
CA ASP A 350 6.08 -7.04 -13.90
C ASP A 350 5.76 -6.67 -12.44
N TRP A 351 6.53 -7.21 -11.50
CA TRP A 351 6.30 -7.02 -10.07
C TRP A 351 6.81 -5.65 -9.66
N ILE A 352 5.98 -4.91 -8.93
CA ILE A 352 6.39 -3.70 -8.24
C ILE A 352 5.97 -3.86 -6.77
N GLY A 353 6.56 -3.08 -5.85
CA GLY A 353 6.20 -3.19 -4.45
C GLY A 353 6.99 -2.32 -3.48
N LYS A 354 6.62 -2.40 -2.20
CA LYS A 354 7.30 -1.66 -1.14
C LYS A 354 7.25 -2.49 0.13
N THR A 355 8.33 -2.41 0.90
CA THR A 355 8.42 -3.02 2.23
C THR A 355 8.15 -1.96 3.30
N GLY A 356 7.84 -2.46 4.50
CA GLY A 356 7.73 -1.64 5.68
C GLY A 356 8.26 -2.34 6.93
N THR A 357 8.89 -1.57 7.83
CA THR A 357 9.48 -2.11 9.06
C THR A 357 9.19 -1.05 10.15
N THR A 358 8.53 -1.40 11.27
CA THR A 358 8.34 -0.40 12.32
C THR A 358 9.60 -0.35 13.20
N GLY A 359 9.76 0.79 13.88
CA GLY A 359 10.98 1.18 14.59
C GLY A 359 11.54 0.17 15.59
N GLN A 360 10.67 -0.62 16.21
CA GLN A 360 11.13 -1.69 17.10
C GLN A 360 10.93 -3.05 16.44
N ASP A 361 10.81 -3.06 15.11
CA ASP A 361 10.52 -4.31 14.40
C ASP A 361 9.20 -4.95 14.89
N GLU A 362 8.16 -4.16 15.15
CA GLU A 362 6.90 -4.75 15.61
C GLU A 362 5.99 -5.18 14.46
N ASN A 363 6.14 -4.52 13.32
CA ASN A 363 5.30 -4.72 12.15
C ASN A 363 6.19 -4.74 10.94
N MET A 364 6.07 -5.79 10.13
CA MET A 364 6.74 -5.87 8.82
C MET A 364 5.68 -5.97 7.73
N TRP A 365 5.87 -5.24 6.64
CA TRP A 365 4.91 -5.29 5.55
C TRP A 365 5.62 -5.61 4.25
N LEU A 366 4.92 -6.28 3.34
CA LEU A 366 5.36 -6.30 1.94
C LEU A 366 4.13 -6.23 1.13
N MET A 367 4.04 -5.17 0.30
CA MET A 367 2.93 -4.97 -0.62
C MET A 367 3.44 -5.25 -2.04
N LEU A 368 2.70 -6.04 -2.82
CA LEU A 368 3.15 -6.45 -4.14
C LEU A 368 2.05 -6.14 -5.16
N SER A 369 2.44 -5.61 -6.34
CA SER A 369 1.50 -5.55 -7.48
C SER A 369 2.09 -6.09 -8.79
N THR A 370 1.21 -6.68 -9.61
CA THR A 370 1.35 -6.70 -11.08
C THR A 370 0.22 -5.85 -11.65
N PRO A 371 0.18 -5.57 -12.96
CA PRO A 371 -0.84 -4.64 -13.47
C PRO A 371 -2.24 -5.18 -13.15
N ARG A 372 -2.37 -6.50 -13.05
CA ARG A 372 -3.67 -7.07 -12.73
C ARG A 372 -4.11 -7.17 -11.25
N LEU A 373 -3.17 -7.44 -10.33
CA LEU A 373 -3.49 -7.86 -8.96
C LEU A 373 -2.58 -7.11 -7.96
N THR A 374 -3.06 -6.92 -6.73
CA THR A 374 -2.24 -6.42 -5.62
C THR A 374 -2.35 -7.36 -4.46
N LEU A 375 -1.23 -7.74 -3.87
CA LEU A 375 -1.26 -8.68 -2.72
C LEU A 375 -0.58 -7.94 -1.58
N GLY A 376 -1.30 -7.76 -0.48
CA GLY A 376 -0.72 -7.06 0.68
C GLY A 376 -0.33 -8.09 1.70
N GLY A 377 0.69 -7.83 2.52
CA GLY A 377 1.12 -8.77 3.53
C GLY A 377 1.70 -8.12 4.77
N TRP A 378 1.21 -8.55 5.93
CA TRP A 378 1.71 -8.05 7.22
C TRP A 378 2.14 -9.27 8.05
N ILE A 379 3.24 -9.14 8.82
CA ILE A 379 3.49 -10.05 9.92
C ILE A 379 3.80 -9.29 11.21
N GLY A 380 3.60 -9.94 12.33
CA GLY A 380 3.80 -9.27 13.61
C GLY A 380 3.31 -10.21 14.68
N HIS A 381 3.34 -9.74 15.93
CA HIS A 381 2.83 -10.54 17.02
C HIS A 381 1.53 -9.92 17.55
N ASP A 382 0.60 -10.75 18.02
CA ASP A 382 -0.65 -10.18 18.51
C ASP A 382 -0.47 -9.22 19.69
N ASP A 383 0.48 -9.48 20.55
CA ASP A 383 0.67 -8.57 21.67
C ASP A 383 1.72 -7.48 21.38
N ASN A 384 2.10 -7.33 20.11
CA ASN A 384 3.01 -6.24 19.70
C ASN A 384 4.47 -6.33 20.14
N HIS A 385 4.91 -7.49 20.66
CA HIS A 385 6.34 -7.68 20.88
C HIS A 385 7.13 -7.76 19.57
N SER A 386 8.43 -7.56 19.62
CA SER A 386 9.25 -7.31 18.43
C SER A 386 9.44 -8.60 17.62
N LEU A 387 9.53 -8.46 16.30
CA LEU A 387 10.06 -9.52 15.44
C LEU A 387 11.60 -9.41 15.41
N SER A 388 12.27 -10.45 14.90
CA SER A 388 13.69 -10.33 14.55
C SER A 388 13.90 -9.25 13.48
N GLN A 389 15.10 -8.69 13.54
CA GLN A 389 15.58 -7.67 12.62
C GLN A 389 15.29 -7.98 11.15
N GLN A 390 15.40 -9.24 10.77
CA GLN A 390 15.28 -9.61 9.38
C GLN A 390 13.97 -10.33 9.04
N ALA A 391 13.04 -10.37 9.98
CA ALA A 391 11.73 -10.97 9.72
C ALA A 391 11.10 -10.49 8.40
N GLY A 392 11.15 -9.18 8.15
CA GLY A 392 10.51 -8.60 6.97
C GLY A 392 11.35 -8.72 5.70
N TYR A 393 12.65 -8.41 5.82
CA TYR A 393 13.61 -8.49 4.72
C TYR A 393 13.65 -9.90 4.10
N SER A 394 13.73 -10.92 4.96
CA SER A 394 13.96 -12.32 4.55
C SER A 394 12.70 -13.20 4.71
N ASN A 395 12.30 -13.55 5.94
CA ASN A 395 11.19 -14.50 6.19
C ASN A 395 9.86 -14.22 5.47
N ASN A 396 9.33 -12.99 5.61
CA ASN A 396 8.04 -12.65 4.97
C ASN A 396 8.18 -12.68 3.46
N SER A 397 9.36 -12.26 2.94
CA SER A 397 9.62 -12.23 1.53
C SER A 397 9.50 -13.62 0.95
N ASN A 398 10.09 -14.58 1.67
CA ASN A 398 10.09 -16.01 1.27
C ASN A 398 8.68 -16.62 1.35
N TYR A 399 7.97 -16.36 2.45
CA TYR A 399 6.60 -16.77 2.62
C TYR A 399 5.75 -16.21 1.48
N MET A 400 5.83 -14.90 1.25
CA MET A 400 5.03 -14.27 0.20
C MET A 400 5.37 -14.72 -1.22
N ALA A 401 6.65 -14.98 -1.48
CA ALA A 401 7.05 -15.71 -2.70
C ALA A 401 6.36 -17.07 -2.85
N HIS A 402 6.25 -17.84 -1.76
CA HIS A 402 5.53 -19.14 -1.80
C HIS A 402 4.02 -18.88 -1.99
N LEU A 403 3.50 -17.81 -1.39
CA LEU A 403 2.07 -17.46 -1.52
C LEU A 403 1.71 -17.16 -2.99
N VAL A 404 2.48 -16.25 -3.57
CA VAL A 404 2.39 -15.84 -4.96
C VAL A 404 2.46 -17.03 -5.88
N ASN A 405 3.43 -17.90 -5.63
CA ASN A 405 3.55 -19.13 -6.41
C ASN A 405 2.28 -19.97 -6.32
N ALA A 406 1.77 -20.17 -5.10
CA ALA A 406 0.58 -20.98 -4.88
C ALA A 406 -0.61 -20.41 -5.67
N ILE A 407 -0.83 -19.11 -5.54
CA ILE A 407 -1.87 -18.43 -6.32
C ILE A 407 -1.72 -18.70 -7.83
N GLN A 408 -0.49 -18.63 -8.36
CA GLN A 408 -0.33 -18.82 -9.79
C GLN A 408 -0.58 -20.27 -10.17
N GLN A 409 -0.14 -21.22 -9.34
CA GLN A 409 -0.37 -22.61 -9.73
CA GLN A 409 -0.37 -22.64 -9.65
C GLN A 409 -1.86 -22.94 -9.70
N ALA A 410 -2.64 -22.16 -8.96
CA ALA A 410 -4.08 -22.33 -8.88
C ALA A 410 -4.77 -21.79 -10.12
N SER A 411 -4.30 -20.64 -10.58
CA SER A 411 -4.98 -19.92 -11.61
C SER A 411 -3.90 -19.28 -12.48
N PRO A 412 -3.35 -20.12 -13.37
CA PRO A 412 -2.12 -19.81 -14.11
C PRO A 412 -2.00 -18.41 -14.73
N SER A 413 -3.10 -17.83 -15.23
CA SER A 413 -3.06 -16.46 -15.83
C SER A 413 -3.44 -15.28 -14.91
N ILE A 414 -3.66 -15.53 -13.62
CA ILE A 414 -4.23 -14.54 -12.72
C ILE A 414 -3.38 -13.32 -12.49
N TRP A 415 -2.07 -13.50 -12.47
CA TRP A 415 -1.17 -12.32 -12.28
C TRP A 415 -0.99 -11.50 -13.56
N GLY A 416 -1.08 -12.19 -14.69
CA GLY A 416 -0.95 -11.54 -15.99
C GLY A 416 0.49 -11.34 -16.38
N ASN A 417 0.69 -11.08 -17.66
CA ASN A 417 2.01 -10.78 -18.20
C ASN A 417 2.13 -9.37 -18.72
N GLU A 418 1.16 -8.52 -18.44
CA GLU A 418 1.25 -7.13 -18.87
C GLU A 418 2.40 -6.41 -18.19
N ARG A 419 2.95 -5.35 -18.79
CA ARG A 419 3.86 -4.47 -18.06
C ARG A 419 3.16 -3.20 -17.62
N PHE A 420 3.59 -2.63 -16.50
CA PHE A 420 3.33 -1.21 -16.21
C PHE A 420 4.11 -0.32 -17.17
N ALA A 421 3.54 0.78 -17.58
CA ALA A 421 4.22 1.60 -18.53
C ALA A 421 3.88 3.05 -18.25
N LEU A 422 4.82 3.94 -18.53
CA LEU A 422 4.60 5.37 -18.32
C LEU A 422 3.43 5.82 -19.20
N ASP A 423 2.48 6.55 -18.63
CA ASP A 423 1.37 7.14 -19.40
C ASP A 423 1.88 8.21 -20.38
N PRO A 424 1.24 8.34 -21.54
CA PRO A 424 1.68 9.35 -22.51
C PRO A 424 1.81 10.75 -21.91
N SER A 425 1.09 11.05 -20.83
CA SER A 425 1.03 12.41 -20.22
C SER A 425 2.25 12.78 -19.33
N VAL A 426 3.08 11.79 -19.02
CA VAL A 426 4.30 11.98 -18.22
C VAL A 426 5.20 12.92 -18.99
N VAL A 427 5.75 13.93 -18.32
CA VAL A 427 6.70 14.85 -18.92
C VAL A 427 8.13 14.41 -18.64
N LYS A 428 8.99 14.44 -19.67
CA LYS A 428 10.39 14.08 -19.52
C LYS A 428 11.30 15.31 -19.61
N SER A 429 12.10 15.51 -18.57
CA SER A 429 13.00 16.64 -18.55
C SER A 429 14.39 16.07 -18.51
N GLU A 430 15.31 16.74 -19.19
CA GLU A 430 16.71 16.40 -19.03
CA GLU A 430 16.73 16.43 -19.05
C GLU A 430 17.30 17.27 -17.92
N VAL A 431 17.79 16.61 -16.88
CA VAL A 431 18.22 17.30 -15.67
C VAL A 431 19.61 16.83 -15.25
N LEU A 432 20.37 17.68 -14.55
CA LEU A 432 21.64 17.24 -13.99
C LEU A 432 21.43 16.12 -12.98
N LYS A 433 22.13 15.02 -13.20
CA LYS A 433 22.23 13.99 -12.19
C LYS A 433 22.38 14.65 -10.84
N SER A 434 23.31 15.60 -10.73
CA SER A 434 23.77 16.08 -9.43
C SER A 434 22.68 16.88 -8.73
N THR A 435 21.83 17.58 -9.51
CA THR A 435 20.81 18.38 -8.87
C THR A 435 19.38 17.90 -9.06
N GLY A 436 19.13 17.04 -10.05
CA GLY A 436 17.75 16.66 -10.41
C GLY A 436 16.95 17.78 -11.05
N GLN A 437 17.63 18.86 -11.42
CA GLN A 437 17.01 20.02 -12.04
C GLN A 437 17.84 20.43 -13.25
N LYS A 438 17.31 21.38 -14.03
CA LYS A 438 17.87 21.62 -15.37
C LYS A 438 19.20 22.38 -15.32
N PRO A 439 20.07 22.20 -16.32
CA PRO A 439 21.34 22.92 -16.29
C PRO A 439 21.09 24.43 -16.37
N GLY A 440 21.82 25.20 -15.57
CA GLY A 440 21.56 26.64 -15.45
C GLY A 440 22.63 27.39 -14.70
N LYS A 441 22.60 28.72 -14.80
CA LYS A 441 23.33 29.58 -13.87
C LYS A 441 22.72 29.45 -12.48
N VAL A 442 23.57 29.28 -11.47
CA VAL A 442 23.13 29.20 -10.08
C VAL A 442 24.06 30.09 -9.25
N SER A 443 23.49 30.91 -8.37
CA SER A 443 24.32 31.73 -7.49
C SER A 443 24.85 30.97 -6.25
N VAL A 444 26.16 30.77 -6.22
CA VAL A 444 26.85 30.02 -5.16
C VAL A 444 27.85 30.90 -4.41
N GLU A 445 27.58 31.12 -3.12
CA GLU A 445 28.34 32.05 -2.27
C GLU A 445 29.06 33.20 -2.96
N GLY A 446 28.29 34.14 -3.52
CA GLY A 446 28.87 35.26 -4.25
C GLY A 446 28.75 35.03 -5.74
N LYS A 447 29.64 34.18 -6.28
CA LYS A 447 29.64 33.82 -7.69
C LYS A 447 28.28 33.32 -8.20
N GLU A 448 27.86 33.80 -9.38
CA GLU A 448 27.00 33.03 -10.26
C GLU A 448 27.88 32.02 -11.01
N VAL A 449 27.38 30.82 -11.21
CA VAL A 449 28.23 29.70 -11.59
C VAL A 449 27.50 28.89 -12.65
N GLU A 450 28.22 28.49 -13.69
CA GLU A 450 27.63 27.63 -14.70
C GLU A 450 27.64 26.17 -14.23
N VAL A 451 26.46 25.70 -13.80
CA VAL A 451 26.31 24.32 -13.39
C VAL A 451 26.01 23.47 -14.61
N THR A 452 26.94 22.57 -14.86
CA THR A 452 27.03 21.81 -16.08
C THR A 452 27.22 20.39 -15.56
N GLY A 453 27.33 19.41 -16.44
CA GLY A 453 27.66 18.06 -16.02
C GLY A 453 26.69 17.10 -16.67
N SER A 454 26.80 15.81 -16.36
CA SER A 454 26.07 14.79 -17.11
C SER A 454 24.61 14.73 -16.65
N THR A 455 23.74 14.45 -17.60
CA THR A 455 22.30 14.58 -17.37
C THR A 455 21.58 13.25 -17.47
N VAL A 456 20.29 13.28 -17.14
CA VAL A 456 19.50 12.09 -16.98
C VAL A 456 18.06 12.49 -17.26
N THR A 457 17.26 11.53 -17.71
CA THR A 457 15.84 11.77 -17.90
C THR A 457 15.11 11.66 -16.58
N SER A 458 14.35 12.67 -16.25
CA SER A 458 13.54 12.66 -15.05
C SER A 458 12.06 12.79 -15.41
N TYR A 459 11.23 11.95 -14.80
CA TYR A 459 9.80 11.95 -15.10
C TYR A 459 8.99 12.80 -14.14
N TRP A 460 8.09 13.56 -14.73
CA TRP A 460 7.33 14.56 -14.03
C TRP A 460 5.85 14.43 -14.42
N ALA A 461 4.97 14.94 -13.56
CA ALA A 461 3.54 14.71 -13.67
C ALA A 461 2.88 16.06 -13.66
N ASN A 462 3.65 17.07 -14.03
CA ASN A 462 3.05 18.38 -14.23
C ASN A 462 3.07 18.71 -15.73
N LYS A 463 2.80 19.97 -16.03
CA LYS A 463 2.73 20.48 -17.40
C LYS A 463 4.13 20.78 -17.93
N SER A 464 4.96 21.41 -17.11
CA SER A 464 6.20 22.01 -17.58
C SER A 464 7.47 21.21 -17.32
N GLY A 465 7.40 20.18 -16.48
CA GLY A 465 8.61 19.41 -16.16
C GLY A 465 9.46 20.00 -15.07
N ALA A 466 10.74 19.64 -15.03
CA ALA A 466 11.62 20.07 -13.95
C ALA A 466 12.02 21.54 -14.10
N PRO A 467 12.06 22.26 -12.99
CA PRO A 467 12.58 23.63 -12.97
C PRO A 467 14.04 23.70 -13.42
N ALA A 468 14.52 24.90 -13.73
CA ALA A 468 15.97 25.15 -13.85
C ALA A 468 16.62 24.91 -12.49
N THR A 469 17.88 24.45 -12.46
CA THR A 469 18.59 24.27 -11.19
C THR A 469 18.59 25.52 -10.31
N SER A 470 18.35 25.34 -9.01
CA SER A 470 18.43 26.46 -8.05
C SER A 470 19.45 26.10 -6.98
N TYR A 471 19.78 27.09 -6.16
CA TYR A 471 20.74 26.88 -5.10
C TYR A 471 20.25 25.77 -4.13
N ARG A 472 19.02 25.91 -3.65
CA ARG A 472 18.42 24.89 -2.83
C ARG A 472 17.80 23.78 -3.68
N PHE A 473 18.58 23.04 -4.45
CA PHE A 473 18.00 22.20 -5.51
C PHE A 473 17.21 20.99 -5.01
N ALA A 474 17.46 20.59 -3.77
CA ALA A 474 17.02 19.29 -3.28
C ALA A 474 15.76 19.44 -2.40
N ILE A 475 15.05 18.34 -2.14
CA ILE A 475 13.91 18.37 -1.19
C ILE A 475 14.50 18.36 0.23
N GLY A 476 14.37 19.48 0.95
CA GLY A 476 14.94 19.62 2.31
C GLY A 476 16.40 20.03 2.36
N GLY A 477 16.99 20.05 3.55
CA GLY A 477 18.42 20.35 3.70
C GLY A 477 18.61 21.71 4.34
N SER A 478 19.61 21.80 5.21
CA SER A 478 19.96 23.05 5.89
C SER A 478 20.96 23.83 5.04
N ASP A 479 21.31 25.03 5.52
CA ASP A 479 22.38 25.83 4.91
C ASP A 479 23.73 25.09 4.89
N ALA A 480 24.08 24.44 6.00
CA ALA A 480 25.34 23.68 6.08
C ALA A 480 25.31 22.57 5.01
N ASP A 481 24.20 21.85 4.98
CA ASP A 481 23.98 20.74 4.05
C ASP A 481 24.32 21.20 2.62
N TYR A 482 23.72 22.31 2.20
CA TYR A 482 23.91 22.84 0.85
C TYR A 482 25.34 23.29 0.55
N GLN A 483 25.99 23.82 1.58
CA GLN A 483 27.39 24.23 1.46
C GLN A 483 28.25 22.99 1.22
N ASN A 484 27.95 21.90 1.95
CA ASN A 484 28.68 20.66 1.74
C ASN A 484 28.40 20.11 0.34
N ALA A 485 27.15 20.18 -0.09
CA ALA A 485 26.77 19.54 -1.34
C ALA A 485 27.26 20.38 -2.53
N TRP A 486 27.14 21.70 -2.45
CA TRP A 486 27.62 22.57 -3.52
C TRP A 486 29.12 22.55 -3.70
N SER A 487 29.85 22.62 -2.59
CA SER A 487 31.30 22.38 -2.61
C SER A 487 31.60 21.12 -3.44
N SER A 488 30.90 20.05 -3.13
CA SER A 488 31.07 18.77 -3.79
C SER A 488 30.86 18.87 -5.31
N ILE A 489 29.67 19.32 -5.71
CA ILE A 489 29.31 19.55 -7.12
C ILE A 489 30.29 20.52 -7.83
N VAL A 490 30.56 21.64 -7.19
CA VAL A 490 31.47 22.66 -7.72
C VAL A 490 32.85 22.13 -8.16
N GLY A 491 33.33 21.05 -7.54
CA GLY A 491 34.34 20.17 -8.16
C GLY A 491 33.85 19.55 -9.48
N SER A 492 33.80 20.37 -10.52
CA SER A 492 33.19 20.00 -11.81
C SER A 492 34.00 18.92 -12.51
O2 E07 B . 11.43 1.13 6.11
B E07 B . 10.46 1.83 7.11
O1 E07 B . 9.50 0.75 7.70
C3 E07 B . 11.25 2.55 8.06
C16 E07 B . 10.51 3.65 8.80
N4 E07 B . 11.87 1.57 8.94
C5 E07 B . 12.95 1.80 9.87
O6 E07 B . 13.49 2.90 10.08
C7 E07 B . 13.47 0.59 10.56
C14 E07 B . 12.74 -0.01 11.60
C13 E07 B . 13.36 -1.02 12.33
C12 E07 B . 14.67 -1.46 12.02
C11 E07 B . 15.38 -0.89 10.97
C8 E07 B . 14.76 0.13 10.24
C9 E07 B . 15.51 0.79 9.12
C10 E07 B . 15.54 -0.13 7.94
C21 E07 B . 16.74 -0.82 7.66
C20 E07 B . 16.83 -1.59 6.50
C19 E07 B . 15.71 -1.69 5.67
C18 E07 B . 14.50 -1.04 5.94
C17 E07 B . 14.34 -0.27 7.10
CL CL C . -3.75 19.37 9.84
CL CL D . -4.13 17.55 5.06
CL CL E . 14.76 -8.57 -10.54
CL CL F . -37.99 -14.71 -1.09
CL CL G . 14.19 19.09 -20.93
CL CL H . -7.63 3.33 7.78
CL CL I . -18.19 -5.97 1.11
CL CL J . -10.45 -19.16 5.47
CL CL K . -4.93 11.64 -15.39
CL CL L . 5.72 -22.95 -3.47
CL CL M . -14.90 -19.11 -7.52
CL CL N . 3.60 22.87 -14.65
CL CL O . 22.87 25.16 8.86
CL CL P . 7.91 15.21 -22.69
CL CL Q . 1.70 -12.54 20.70
CL CL R . -13.80 -5.46 2.55
CL CL S . -12.85 -13.94 11.00
CL CL T . -10.93 -3.55 6.47
CL CL U . 12.02 21.45 0.29
CL CL V . -39.07 -8.55 9.05
NA NA W . 11.41 -1.39 4.99
CL CL X . 18.70 -11.57 -2.19
CL CL Y . 11.42 10.66 17.90
#